data_2P8N
#
_entry.id   2P8N
#
_cell.length_a   68.162
_cell.length_b   68.162
_cell.length_c   141.195
_cell.angle_alpha   90.00
_cell.angle_beta   90.00
_cell.angle_gamma   90.00
#
_symmetry.space_group_name_H-M   'P 41 21 2'
#
loop_
_entity.id
_entity.type
_entity.pdbx_description
1 polymer 'Ricin A chain'
2 non-polymer 'SULFATE ION'
3 non-polymer ADENINE
4 water water
#
_entity_poly.entity_id   1
_entity_poly.type   'polypeptide(L)'
_entity_poly.pdbx_seq_one_letter_code
;MIFPKQYPIINFTTAGATVQSYTNFIRAVRGRLTTGADVRHEIPVLPNRVGLPINQRFILVELSNHAELSVTLALDVTNA
YVVGYRAGNSAYFFHPDNQEDAEAITHLFTDVQNRYTFAFGGNYDRLEQLAGNLRENIELGNGPLEEAISALYYYSTGGT
QLPTLARSFIICIQMISEAARFQYIEGEMRTRIRYNRRSAPDPSVITLENSWGRLSTAIQESNQGAFASPIQLQRRNGSK
FSVYDVSILIPIIALMVYRCAPPPSSQF
;
_entity_poly.pdbx_strand_id   A
#
# COMPACT_ATOMS: atom_id res chain seq x y z
N TYR A 7 15.66 1.28 -10.43
CA TYR A 7 14.17 1.39 -10.26
C TYR A 7 13.77 2.82 -9.94
N PRO A 8 12.59 3.24 -10.42
CA PRO A 8 12.05 4.58 -10.20
C PRO A 8 11.86 4.88 -8.72
N ILE A 9 12.10 6.14 -8.34
CA ILE A 9 11.96 6.57 -6.96
C ILE A 9 11.00 7.76 -6.83
N ILE A 10 10.13 7.69 -5.84
CA ILE A 10 9.17 8.76 -5.56
C ILE A 10 9.42 9.19 -4.11
N ASN A 11 9.59 10.49 -3.91
CA ASN A 11 9.85 11.03 -2.58
C ASN A 11 8.62 11.72 -1.96
N PHE A 12 8.56 11.68 -0.65
CA PHE A 12 7.50 12.32 0.12
C PHE A 12 8.04 12.59 1.50
N THR A 13 7.62 13.70 2.10
CA THR A 13 8.07 14.02 3.43
C THR A 13 6.89 14.45 4.30
N THR A 14 6.90 13.98 5.54
CA THR A 14 5.85 14.33 6.49
C THR A 14 6.11 15.74 7.02
N ALA A 15 7.32 16.23 6.80
CA ALA A 15 7.70 17.57 7.25
C ALA A 15 6.93 18.63 6.45
N GLY A 16 6.03 19.34 7.12
CA GLY A 16 5.25 20.36 6.46
C GLY A 16 4.30 19.82 5.39
N ALA A 17 3.92 18.54 5.49
CA ALA A 17 3.02 17.95 4.51
C ALA A 17 1.67 18.69 4.45
N THR A 18 1.15 18.84 3.24
CA THR A 18 -0.15 19.49 3.01
C THR A 18 -0.99 18.53 2.17
N VAL A 19 -2.28 18.82 2.01
CA VAL A 19 -3.12 17.96 1.19
C VAL A 19 -2.55 17.88 -0.21
N GLN A 20 -2.07 19.03 -0.71
CA GLN A 20 -1.53 19.08 -2.06
C GLN A 20 -0.24 18.27 -2.23
N SER A 21 0.68 18.33 -1.26
CA SER A 21 1.93 17.57 -1.42
C SER A 21 1.67 16.08 -1.29
N TYR A 22 0.65 15.72 -0.51
CA TYR A 22 0.30 14.32 -0.34
C TYR A 22 -0.38 13.82 -1.63
N THR A 23 -1.23 14.67 -2.19
CA THR A 23 -1.93 14.35 -3.43
C THR A 23 -0.92 14.14 -4.56
N ASN A 24 0.08 15.03 -4.66
CA ASN A 24 1.09 14.93 -5.70
C ASN A 24 1.83 13.61 -5.57
N PHE A 25 2.13 13.25 -4.33
CA PHE A 25 2.83 12.02 -4.00
C PHE A 25 2.09 10.78 -4.47
N ILE A 26 0.83 10.64 -4.04
CA ILE A 26 0.03 9.48 -4.43
C ILE A 26 -0.15 9.38 -5.94
N ARG A 27 -0.40 10.51 -6.59
CA ARG A 27 -0.57 10.52 -8.03
C ARG A 27 0.72 10.02 -8.70
N ALA A 28 1.87 10.48 -8.19
CA ALA A 28 3.18 10.07 -8.72
C ALA A 28 3.38 8.57 -8.56
N VAL A 29 2.99 8.03 -7.41
CA VAL A 29 3.13 6.59 -7.15
C VAL A 29 2.29 5.79 -8.15
N ARG A 30 1.03 6.19 -8.35
CA ARG A 30 0.15 5.52 -9.30
C ARG A 30 0.75 5.58 -10.70
N GLY A 31 1.32 6.72 -11.03
CA GLY A 31 1.93 6.92 -12.34
C GLY A 31 3.05 5.94 -12.60
N ARG A 32 3.75 5.52 -11.54
CA ARG A 32 4.86 4.58 -11.67
C ARG A 32 4.37 3.14 -11.54
N LEU A 33 3.20 2.94 -10.94
CA LEU A 33 2.65 1.60 -10.77
C LEU A 33 2.02 1.07 -12.05
N THR A 34 1.21 1.90 -12.71
CA THR A 34 0.53 1.50 -13.93
C THR A 34 1.22 2.05 -15.17
N THR A 35 0.95 1.45 -16.32
CA THR A 35 1.57 1.86 -17.58
C THR A 35 0.59 2.48 -18.57
N GLY A 36 -0.70 2.34 -18.29
CA GLY A 36 -1.72 2.88 -19.16
C GLY A 36 -2.04 1.90 -20.28
N ALA A 37 -1.43 0.71 -20.21
CA ALA A 37 -1.65 -0.30 -21.23
C ALA A 37 -2.92 -1.10 -20.98
N ASP A 38 -3.36 -1.15 -19.73
CA ASP A 38 -4.52 -1.95 -19.36
C ASP A 38 -5.51 -1.15 -18.50
N VAL A 39 -6.69 -0.89 -19.06
CA VAL A 39 -7.73 -0.16 -18.34
C VAL A 39 -9.05 -0.85 -18.63
N ARG A 40 -9.80 -1.21 -17.58
CA ARG A 40 -11.09 -1.87 -17.74
C ARG A 40 -12.15 -0.99 -17.08
N HIS A 41 -13.16 -0.57 -17.84
CA HIS A 41 -14.23 0.27 -17.30
C HIS A 41 -13.67 1.54 -16.67
N GLU A 42 -12.63 2.08 -17.32
CA GLU A 42 -11.98 3.32 -16.87
C GLU A 42 -11.09 3.12 -15.65
N ILE A 43 -10.98 1.89 -15.17
CA ILE A 43 -10.13 1.62 -14.00
C ILE A 43 -8.84 0.92 -14.42
N PRO A 44 -7.69 1.56 -14.17
CA PRO A 44 -6.36 1.03 -14.52
C PRO A 44 -6.04 -0.30 -13.84
N VAL A 45 -5.33 -1.16 -14.55
CA VAL A 45 -4.93 -2.44 -13.99
C VAL A 45 -3.42 -2.49 -13.90
N LEU A 46 -2.92 -3.03 -12.79
CA LEU A 46 -1.48 -3.14 -12.58
C LEU A 46 -0.90 -4.19 -13.52
N PRO A 47 0.41 -4.09 -13.82
CA PRO A 47 1.10 -5.02 -14.71
C PRO A 47 0.90 -6.49 -14.33
N ASN A 48 0.75 -7.34 -15.33
CA ASN A 48 0.58 -8.78 -15.09
C ASN A 48 1.95 -9.31 -14.66
N ARG A 49 1.99 -10.04 -13.54
CA ARG A 49 3.27 -10.57 -13.08
C ARG A 49 3.91 -11.52 -14.08
N VAL A 50 3.08 -12.33 -14.76
CA VAL A 50 3.54 -13.29 -15.74
C VAL A 50 4.22 -12.61 -16.94
N GLY A 51 5.50 -12.91 -17.12
CA GLY A 51 6.27 -12.35 -18.23
C GLY A 51 6.86 -10.95 -17.98
N LEU A 52 6.67 -10.42 -16.79
CA LEU A 52 7.18 -9.08 -16.46
C LEU A 52 8.68 -9.09 -16.19
N PRO A 53 9.46 -8.33 -16.99
CA PRO A 53 10.91 -8.26 -16.81
C PRO A 53 11.25 -7.76 -15.39
N ILE A 54 12.29 -8.32 -14.79
CA ILE A 54 12.67 -7.94 -13.44
C ILE A 54 13.02 -6.46 -13.30
N ASN A 55 13.54 -5.85 -14.37
CA ASN A 55 13.92 -4.44 -14.33
C ASN A 55 12.70 -3.49 -14.30
N GLN A 56 11.50 -4.07 -14.35
CA GLN A 56 10.26 -3.29 -14.32
C GLN A 56 9.36 -3.75 -13.18
N ARG A 57 9.92 -4.58 -12.30
CA ARG A 57 9.15 -5.15 -11.20
C ARG A 57 8.88 -4.32 -9.93
N PHE A 58 9.77 -3.39 -9.61
CA PHE A 58 9.58 -2.61 -8.39
C PHE A 58 9.69 -1.10 -8.58
N ILE A 59 9.23 -0.37 -7.58
CA ILE A 59 9.36 1.08 -7.55
C ILE A 59 9.77 1.38 -6.12
N LEU A 60 10.42 2.52 -5.91
CA LEU A 60 10.88 2.87 -4.57
C LEU A 60 10.20 4.13 -4.07
N VAL A 61 9.87 4.14 -2.78
CA VAL A 61 9.24 5.28 -2.13
C VAL A 61 10.15 5.74 -1.00
N GLU A 62 10.78 6.90 -1.18
CA GLU A 62 11.67 7.40 -0.14
C GLU A 62 10.94 8.36 0.77
N LEU A 63 10.77 7.94 2.03
CA LEU A 63 10.07 8.73 3.02
C LEU A 63 11.02 9.45 3.96
N SER A 64 10.78 10.74 4.14
CA SER A 64 11.59 11.56 5.03
C SER A 64 10.65 12.23 6.03
N ASN A 65 11.15 12.59 7.21
CA ASN A 65 10.30 13.25 8.19
C ASN A 65 10.94 14.50 8.79
N HIS A 66 10.18 15.23 9.61
CA HIS A 66 10.69 16.46 10.23
C HIS A 66 11.96 16.19 11.05
N ALA A 67 12.11 14.96 11.51
CA ALA A 67 13.28 14.58 12.32
C ALA A 67 14.52 14.37 11.44
N GLU A 68 14.43 14.72 10.17
CA GLU A 68 15.55 14.59 9.23
C GLU A 68 16.02 13.15 9.06
N LEU A 69 15.08 12.21 9.14
CA LEU A 69 15.41 10.81 8.97
C LEU A 69 14.73 10.32 7.69
N SER A 70 15.34 9.35 7.03
CA SER A 70 14.77 8.82 5.79
C SER A 70 14.83 7.30 5.72
N VAL A 71 13.82 6.72 5.07
CA VAL A 71 13.75 5.28 4.85
C VAL A 71 13.18 5.11 3.45
N THR A 72 13.50 3.99 2.80
CA THR A 72 13.01 3.73 1.46
C THR A 72 12.28 2.41 1.39
N LEU A 73 10.99 2.47 1.06
CA LEU A 73 10.17 1.28 0.94
C LEU A 73 10.23 0.78 -0.49
N ALA A 74 10.09 -0.53 -0.67
CA ALA A 74 10.09 -1.13 -1.99
C ALA A 74 8.71 -1.72 -2.24
N LEU A 75 8.08 -1.31 -3.32
CA LEU A 75 6.76 -1.82 -3.67
C LEU A 75 6.81 -2.63 -4.95
N ASP A 76 6.07 -3.74 -4.95
CA ASP A 76 5.96 -4.65 -6.09
C ASP A 76 4.89 -4.00 -6.98
N VAL A 77 5.22 -3.72 -8.23
CA VAL A 77 4.25 -3.06 -9.12
C VAL A 77 3.03 -3.91 -9.47
N THR A 78 3.16 -5.23 -9.37
CA THR A 78 2.05 -6.13 -9.70
C THR A 78 0.89 -6.08 -8.70
N ASN A 79 1.16 -5.61 -7.48
CA ASN A 79 0.12 -5.54 -6.46
C ASN A 79 0.22 -4.37 -5.48
N ALA A 80 1.19 -3.48 -5.72
CA ALA A 80 1.41 -2.31 -4.86
C ALA A 80 1.81 -2.75 -3.44
N TYR A 81 2.22 -4.00 -3.31
CA TYR A 81 2.61 -4.55 -2.03
C TYR A 81 4.00 -4.08 -1.56
N VAL A 82 4.07 -3.60 -0.32
CA VAL A 82 5.35 -3.17 0.26
C VAL A 82 6.06 -4.47 0.58
N VAL A 83 7.21 -4.72 -0.05
CA VAL A 83 7.95 -5.97 0.17
C VAL A 83 9.14 -5.86 1.13
N GLY A 84 9.52 -4.63 1.47
CA GLY A 84 10.63 -4.44 2.37
C GLY A 84 11.06 -2.99 2.38
N TYR A 85 12.15 -2.70 3.10
CA TYR A 85 12.64 -1.33 3.16
C TYR A 85 14.13 -1.25 3.49
N ARG A 86 14.70 -0.08 3.21
CA ARG A 86 16.10 0.17 3.48
C ARG A 86 16.21 1.37 4.42
N ALA A 87 17.14 1.30 5.35
CA ALA A 87 17.40 2.38 6.29
C ALA A 87 18.90 2.36 6.50
N GLY A 88 19.60 3.33 5.92
CA GLY A 88 21.04 3.39 6.06
C GLY A 88 21.73 2.19 5.42
N ASN A 89 22.51 1.48 6.22
CA ASN A 89 23.26 0.32 5.72
C ASN A 89 22.57 -1.02 5.91
N SER A 90 21.26 -0.98 6.20
CA SER A 90 20.49 -2.20 6.40
C SER A 90 19.17 -2.21 5.62
N ALA A 91 18.77 -3.40 5.16
CA ALA A 91 17.52 -3.57 4.44
C ALA A 91 16.80 -4.79 5.02
N TYR A 92 15.49 -4.68 5.15
CA TYR A 92 14.67 -5.75 5.70
C TYR A 92 13.55 -6.10 4.73
N PHE A 93 13.36 -7.39 4.47
CA PHE A 93 12.32 -7.83 3.55
C PHE A 93 11.39 -8.81 4.24
N PHE A 94 10.10 -8.72 3.93
CA PHE A 94 9.12 -9.63 4.51
C PHE A 94 9.39 -11.02 3.92
N HIS A 95 8.91 -12.06 4.60
CA HIS A 95 9.10 -13.43 4.12
C HIS A 95 8.36 -13.64 2.80
N PRO A 96 9.08 -13.94 1.72
CA PRO A 96 8.51 -14.17 0.38
C PRO A 96 7.50 -15.31 0.33
N ASP A 97 6.47 -15.16 -0.51
CA ASP A 97 5.42 -16.17 -0.66
C ASP A 97 5.87 -17.37 -1.48
N ASN A 98 6.81 -17.16 -2.38
CA ASN A 98 7.29 -18.23 -3.24
C ASN A 98 8.73 -18.02 -3.69
N GLN A 99 9.29 -19.00 -4.37
CA GLN A 99 10.66 -18.92 -4.83
C GLN A 99 10.90 -17.79 -5.82
N GLU A 100 9.92 -17.55 -6.70
CA GLU A 100 10.06 -16.48 -7.69
C GLU A 100 10.20 -15.11 -7.03
N ASP A 101 9.44 -14.87 -5.97
CA ASP A 101 9.51 -13.60 -5.26
C ASP A 101 10.79 -13.47 -4.45
N ALA A 102 11.30 -14.58 -3.93
CA ALA A 102 12.52 -14.54 -3.15
C ALA A 102 13.69 -14.14 -4.06
N GLU A 103 13.66 -14.58 -5.31
CA GLU A 103 14.73 -14.23 -6.26
C GLU A 103 14.59 -12.78 -6.69
N ALA A 104 13.35 -12.35 -6.93
CA ALA A 104 13.09 -10.97 -7.34
C ALA A 104 13.65 -9.95 -6.36
N ILE A 105 13.43 -10.19 -5.08
CA ILE A 105 13.91 -9.25 -4.07
C ILE A 105 15.43 -9.12 -3.97
N THR A 106 16.17 -10.09 -4.51
CA THR A 106 17.63 -10.01 -4.47
C THR A 106 18.08 -8.85 -5.37
N HIS A 107 17.15 -8.34 -6.17
CA HIS A 107 17.44 -7.25 -7.10
C HIS A 107 17.24 -5.86 -6.47
N LEU A 108 16.79 -5.84 -5.22
CA LEU A 108 16.54 -4.59 -4.50
C LEU A 108 17.66 -4.26 -3.51
N PHE A 109 18.01 -2.98 -3.42
CA PHE A 109 19.03 -2.51 -2.50
C PHE A 109 20.26 -3.41 -2.59
N THR A 110 20.75 -3.62 -3.80
CA THR A 110 21.90 -4.50 -4.02
C THR A 110 23.19 -3.96 -3.40
N ASP A 111 23.17 -2.72 -2.95
CA ASP A 111 24.37 -2.11 -2.36
C ASP A 111 24.45 -2.15 -0.84
N VAL A 112 23.31 -2.33 -0.18
CA VAL A 112 23.29 -2.36 1.28
C VAL A 112 24.28 -3.37 1.86
N GLN A 113 24.93 -2.99 2.96
CA GLN A 113 25.91 -3.84 3.61
C GLN A 113 25.26 -5.02 4.35
N ASN A 114 24.01 -4.83 4.80
CA ASN A 114 23.30 -5.88 5.52
C ASN A 114 21.84 -6.07 5.07
N ARG A 115 21.53 -7.22 4.45
CA ARG A 115 20.14 -7.46 4.04
C ARG A 115 19.62 -8.58 4.95
N TYR A 116 18.40 -8.40 5.44
CA TYR A 116 17.79 -9.40 6.32
C TYR A 116 16.41 -9.68 5.76
N THR A 117 15.98 -10.93 5.90
CA THR A 117 14.65 -11.30 5.46
C THR A 117 13.92 -11.77 6.72
N PHE A 118 12.81 -11.12 7.04
CA PHE A 118 12.02 -11.47 8.22
C PHE A 118 11.47 -12.88 8.03
N ALA A 119 11.30 -13.60 9.14
CA ALA A 119 10.76 -14.95 9.08
C ALA A 119 9.24 -14.90 8.95
N PHE A 120 8.67 -13.70 9.06
CA PHE A 120 7.22 -13.55 8.95
C PHE A 120 6.80 -12.77 7.70
N GLY A 121 5.54 -12.93 7.31
CA GLY A 121 5.03 -12.24 6.14
C GLY A 121 4.58 -10.82 6.44
N GLY A 122 4.26 -10.05 5.40
CA GLY A 122 3.83 -8.68 5.59
C GLY A 122 2.33 -8.46 5.51
N ASN A 123 1.56 -9.53 5.65
CA ASN A 123 0.11 -9.43 5.59
C ASN A 123 -0.43 -8.85 6.89
N TYR A 124 -1.58 -8.17 6.83
CA TYR A 124 -2.15 -7.57 8.03
C TYR A 124 -2.34 -8.55 9.18
N ASP A 125 -2.86 -9.74 8.90
CA ASP A 125 -3.06 -10.71 9.97
C ASP A 125 -1.82 -10.87 10.85
N ARG A 126 -0.67 -11.08 10.21
CA ARG A 126 0.58 -11.26 10.94
C ARG A 126 1.08 -9.98 11.61
N LEU A 127 1.03 -8.88 10.88
CA LEU A 127 1.48 -7.58 11.41
C LEU A 127 0.67 -7.17 12.63
N GLU A 128 -0.64 -7.41 12.60
CA GLU A 128 -1.51 -7.06 13.72
C GLU A 128 -1.18 -7.94 14.92
N GLN A 129 -0.82 -9.20 14.67
CA GLN A 129 -0.44 -10.12 15.74
C GLN A 129 0.83 -9.62 16.41
N LEU A 130 1.82 -9.25 15.60
CA LEU A 130 3.08 -8.75 16.14
C LEU A 130 2.90 -7.41 16.88
N ALA A 131 2.12 -6.50 16.30
CA ALA A 131 1.90 -5.19 16.89
C ALA A 131 1.03 -5.24 18.14
N GLY A 132 0.23 -6.29 18.28
CA GLY A 132 -0.65 -6.43 19.42
C GLY A 132 -1.82 -5.47 19.34
N ASN A 133 -2.22 -5.15 18.12
CA ASN A 133 -3.33 -4.24 17.87
C ASN A 133 -3.85 -4.38 16.45
N LEU A 134 -5.16 -4.26 16.28
CA LEU A 134 -5.76 -4.37 14.96
C LEU A 134 -5.67 -3.02 14.27
N ARG A 135 -5.93 -3.00 12.98
CA ARG A 135 -5.93 -1.77 12.22
C ARG A 135 -6.94 -0.77 12.80
N GLU A 136 -8.11 -1.28 13.19
CA GLU A 136 -9.16 -0.41 13.74
C GLU A 136 -8.74 0.34 14.99
N ASN A 137 -7.62 -0.06 15.59
CA ASN A 137 -7.13 0.59 16.80
C ASN A 137 -5.78 1.29 16.65
N ILE A 138 -5.30 1.39 15.41
CA ILE A 138 -4.03 2.06 15.14
C ILE A 138 -4.31 3.36 14.39
N GLU A 139 -3.97 4.48 15.01
CA GLU A 139 -4.23 5.78 14.40
C GLU A 139 -3.38 6.10 13.18
N LEU A 140 -4.01 6.72 12.19
CA LEU A 140 -3.35 7.10 10.95
C LEU A 140 -3.39 8.62 10.80
N GLY A 141 -2.43 9.15 10.05
CA GLY A 141 -2.34 10.59 9.85
C GLY A 141 -0.88 10.98 9.67
N ASN A 142 -0.61 12.28 9.53
CA ASN A 142 0.76 12.74 9.34
C ASN A 142 1.66 12.49 10.56
N GLY A 143 1.08 12.64 11.75
CA GLY A 143 1.84 12.40 12.98
C GLY A 143 2.26 10.94 13.07
N PRO A 144 1.33 9.99 12.87
CA PRO A 144 1.66 8.56 12.92
C PRO A 144 2.72 8.18 11.88
N LEU A 145 2.63 8.76 10.69
CA LEU A 145 3.57 8.46 9.63
C LEU A 145 4.95 9.03 9.99
N GLU A 146 4.95 10.26 10.51
CA GLU A 146 6.17 10.91 10.96
C GLU A 146 6.87 9.99 11.97
N GLU A 147 6.08 9.47 12.91
CA GLU A 147 6.56 8.58 13.96
C GLU A 147 7.01 7.22 13.41
N ALA A 148 6.21 6.69 12.48
CA ALA A 148 6.52 5.40 11.89
C ALA A 148 7.86 5.43 11.14
N ILE A 149 8.13 6.54 10.46
CA ILE A 149 9.38 6.68 9.71
C ILE A 149 10.56 6.59 10.67
N SER A 150 10.44 7.20 11.84
CA SER A 150 11.52 7.14 12.82
C SER A 150 11.69 5.72 13.35
N ALA A 151 10.57 5.05 13.62
CA ALA A 151 10.62 3.68 14.14
C ALA A 151 11.35 2.75 13.18
N LEU A 152 11.00 2.79 11.90
CA LEU A 152 11.67 1.94 10.92
C LEU A 152 13.14 2.28 10.84
N TYR A 153 13.45 3.56 10.91
CA TYR A 153 14.84 4.00 10.83
C TYR A 153 15.72 3.47 11.96
N TYR A 154 15.20 3.41 13.18
CA TYR A 154 15.99 2.95 14.31
C TYR A 154 15.92 1.46 14.64
N TYR A 155 15.31 0.66 13.77
CA TYR A 155 15.20 -0.76 14.05
C TYR A 155 16.51 -1.53 14.14
N SER A 156 17.43 -1.27 13.22
CA SER A 156 18.71 -1.98 13.20
C SER A 156 19.55 -1.76 14.45
N THR A 157 19.39 -0.60 15.09
CA THR A 157 20.15 -0.26 16.29
C THR A 157 19.55 -0.80 17.58
N GLY A 158 18.34 -1.36 17.49
CA GLY A 158 17.69 -1.90 18.67
C GLY A 158 16.76 -0.94 19.39
N GLY A 159 16.64 0.28 18.86
CA GLY A 159 15.79 1.27 19.49
C GLY A 159 14.30 1.02 19.30
N THR A 160 13.95 0.24 18.28
CA THR A 160 12.55 -0.04 17.97
C THR A 160 12.16 -1.47 18.32
N GLN A 161 11.13 -1.62 19.15
CA GLN A 161 10.66 -2.95 19.54
C GLN A 161 9.83 -3.55 18.39
N LEU A 162 9.73 -4.88 18.35
CA LEU A 162 8.99 -5.55 17.28
C LEU A 162 7.54 -5.07 17.14
N PRO A 163 6.81 -4.93 18.26
CA PRO A 163 5.42 -4.47 18.16
C PRO A 163 5.34 -3.09 17.49
N THR A 164 6.27 -2.22 17.86
CA THR A 164 6.29 -0.87 17.29
C THR A 164 6.69 -0.87 15.83
N LEU A 165 7.54 -1.82 15.43
CA LEU A 165 7.96 -1.92 14.04
C LEU A 165 6.74 -2.35 13.22
N ALA A 166 6.03 -3.37 13.71
CA ALA A 166 4.85 -3.90 13.03
C ALA A 166 3.78 -2.83 12.89
N ARG A 167 3.58 -2.06 13.97
CA ARG A 167 2.60 -0.99 14.00
C ARG A 167 2.94 0.04 12.92
N SER A 168 4.23 0.33 12.82
CA SER A 168 4.75 1.30 11.86
C SER A 168 4.54 0.83 10.42
N PHE A 169 4.72 -0.47 10.17
CA PHE A 169 4.50 -1.00 8.82
C PHE A 169 3.02 -0.83 8.49
N ILE A 170 2.17 -1.17 9.45
CA ILE A 170 0.73 -1.05 9.25
C ILE A 170 0.35 0.36 8.85
N ILE A 171 1.04 1.35 9.41
CA ILE A 171 0.77 2.74 9.10
C ILE A 171 1.25 3.10 7.68
N CYS A 172 2.50 2.78 7.36
CA CYS A 172 3.06 3.06 6.04
C CYS A 172 2.26 2.39 4.93
N ILE A 173 1.94 1.12 5.11
CA ILE A 173 1.18 0.38 4.11
C ILE A 173 -0.16 1.02 3.80
N GLN A 174 -0.90 1.41 4.83
CA GLN A 174 -2.20 2.02 4.59
C GLN A 174 -2.13 3.40 3.97
N MET A 175 -1.19 4.22 4.43
CA MET A 175 -1.09 5.57 3.93
C MET A 175 -0.41 5.69 2.56
N ILE A 176 0.20 4.61 2.11
CA ILE A 176 0.89 4.60 0.83
C ILE A 176 0.26 3.61 -0.14
N SER A 177 0.33 2.31 0.17
CA SER A 177 -0.24 1.31 -0.72
C SER A 177 -1.76 1.36 -0.83
N GLU A 178 -2.46 1.35 0.30
CA GLU A 178 -3.92 1.39 0.25
C GLU A 178 -4.42 2.72 -0.36
N ALA A 179 -3.72 3.81 -0.08
CA ALA A 179 -4.08 5.11 -0.63
C ALA A 179 -3.91 5.10 -2.15
N ALA A 180 -2.85 4.47 -2.65
CA ALA A 180 -2.63 4.39 -4.09
C ALA A 180 -3.73 3.55 -4.75
N ARG A 181 -4.15 2.48 -4.09
CA ARG A 181 -5.19 1.58 -4.60
C ARG A 181 -6.59 2.20 -4.62
N PHE A 182 -6.92 2.97 -3.59
CA PHE A 182 -8.26 3.55 -3.45
C PHE A 182 -8.28 5.08 -3.34
N GLN A 183 -8.95 5.75 -4.26
CA GLN A 183 -9.05 7.21 -4.17
C GLN A 183 -9.77 7.52 -2.87
N TYR A 184 -10.66 6.64 -2.46
CA TYR A 184 -11.43 6.83 -1.23
C TYR A 184 -10.53 6.92 0.00
N ILE A 185 -9.55 6.02 0.06
CA ILE A 185 -8.63 6.00 1.19
C ILE A 185 -7.68 7.18 1.08
N GLU A 186 -7.23 7.49 -0.12
CA GLU A 186 -6.36 8.65 -0.30
C GLU A 186 -7.13 9.84 0.28
N GLY A 187 -8.43 9.89 -0.02
CA GLY A 187 -9.28 10.97 0.46
C GLY A 187 -9.35 11.07 1.97
N GLU A 188 -9.44 9.93 2.65
CA GLU A 188 -9.48 9.93 4.11
C GLU A 188 -8.16 10.41 4.71
N MET A 189 -7.05 10.10 4.06
CA MET A 189 -5.75 10.55 4.55
C MET A 189 -5.58 12.06 4.30
N ARG A 190 -6.11 12.56 3.19
CA ARG A 190 -6.01 13.99 2.90
C ARG A 190 -6.74 14.77 3.98
N THR A 191 -7.92 14.29 4.37
CA THR A 191 -8.70 14.94 5.42
C THR A 191 -7.90 15.04 6.71
N ARG A 192 -7.28 13.93 7.11
CA ARG A 192 -6.49 13.88 8.33
C ARG A 192 -5.35 14.90 8.27
N ILE A 193 -4.72 15.01 7.10
CA ILE A 193 -3.62 15.94 6.92
C ILE A 193 -4.12 17.39 6.95
N ARG A 194 -5.21 17.66 6.24
CA ARG A 194 -5.78 19.00 6.20
C ARG A 194 -6.04 19.60 7.59
N TYR A 195 -6.60 18.79 8.49
CA TYR A 195 -6.90 19.28 9.84
C TYR A 195 -5.90 18.79 10.88
N ASN A 196 -4.83 18.15 10.41
CA ASN A 196 -3.80 17.60 11.28
C ASN A 196 -4.41 16.87 12.47
N ARG A 197 -5.31 15.94 12.17
CA ARG A 197 -5.98 15.15 13.19
C ARG A 197 -5.72 13.66 12.92
N ARG A 198 -5.24 12.93 13.91
CA ARG A 198 -4.99 11.51 13.72
C ARG A 198 -6.17 10.70 14.21
N SER A 199 -6.43 9.57 13.53
CA SER A 199 -7.54 8.71 13.91
C SER A 199 -7.44 7.38 13.18
N ALA A 200 -7.91 6.33 13.84
CA ALA A 200 -7.89 4.99 13.27
C ALA A 200 -8.85 4.91 12.10
N PRO A 201 -8.62 3.96 11.18
CA PRO A 201 -9.50 3.80 10.03
C PRO A 201 -10.87 3.24 10.39
N ASP A 202 -11.91 3.84 9.83
CA ASP A 202 -13.29 3.41 10.08
C ASP A 202 -13.60 2.18 9.22
N PRO A 203 -14.76 1.54 9.43
CA PRO A 203 -15.16 0.35 8.68
C PRO A 203 -15.14 0.47 7.16
N SER A 204 -15.41 1.66 6.62
CA SER A 204 -15.40 1.82 5.17
C SER A 204 -13.97 1.58 4.66
N VAL A 205 -12.99 2.14 5.37
CA VAL A 205 -11.59 1.97 4.99
C VAL A 205 -11.18 0.50 5.12
N ILE A 206 -11.40 -0.07 6.30
CA ILE A 206 -11.05 -1.47 6.57
C ILE A 206 -11.65 -2.44 5.55
N THR A 207 -12.94 -2.33 5.27
CA THR A 207 -13.58 -3.24 4.33
C THR A 207 -13.07 -3.09 2.89
N LEU A 208 -12.74 -1.86 2.51
CA LEU A 208 -12.20 -1.64 1.18
C LEU A 208 -10.84 -2.33 1.10
N GLU A 209 -10.00 -2.12 2.11
CA GLU A 209 -8.67 -2.75 2.12
C GLU A 209 -8.78 -4.28 2.01
N ASN A 210 -9.73 -4.84 2.75
CA ASN A 210 -9.94 -6.29 2.74
C ASN A 210 -10.58 -6.83 1.46
N SER A 211 -11.28 -5.98 0.71
CA SER A 211 -11.97 -6.43 -0.49
C SER A 211 -11.31 -6.14 -1.84
N TRP A 212 -10.14 -5.49 -1.82
CA TRP A 212 -9.45 -5.15 -3.07
C TRP A 212 -9.30 -6.30 -4.06
N GLY A 213 -8.84 -7.45 -3.58
CA GLY A 213 -8.67 -8.59 -4.46
C GLY A 213 -9.96 -9.06 -5.10
N ARG A 214 -11.02 -9.18 -4.29
CA ARG A 214 -12.31 -9.63 -4.79
C ARG A 214 -12.97 -8.59 -5.70
N LEU A 215 -12.84 -7.32 -5.38
CA LEU A 215 -13.40 -6.27 -6.20
C LEU A 215 -12.67 -6.28 -7.55
N SER A 216 -11.36 -6.50 -7.51
CA SER A 216 -10.57 -6.54 -8.74
C SER A 216 -11.06 -7.69 -9.62
N THR A 217 -11.26 -8.85 -9.00
CA THR A 217 -11.73 -10.00 -9.76
C THR A 217 -13.17 -9.79 -10.28
N ALA A 218 -14.07 -9.34 -9.42
CA ALA A 218 -15.45 -9.14 -9.83
C ALA A 218 -15.58 -8.18 -11.01
N ILE A 219 -14.83 -7.08 -10.95
CA ILE A 219 -14.85 -6.09 -12.03
C ILE A 219 -14.35 -6.72 -13.33
N GLN A 220 -13.19 -7.35 -13.25
CA GLN A 220 -12.57 -7.97 -14.42
C GLN A 220 -13.35 -9.14 -15.01
N GLU A 221 -14.11 -9.86 -14.20
CA GLU A 221 -14.89 -10.98 -14.74
C GLU A 221 -16.35 -10.61 -14.96
N SER A 222 -16.69 -9.36 -14.71
CA SER A 222 -18.07 -8.88 -14.87
C SER A 222 -18.60 -8.99 -16.29
N ASN A 223 -19.91 -8.93 -16.42
CA ASN A 223 -20.56 -8.97 -17.73
C ASN A 223 -20.88 -7.51 -18.06
N GLN A 224 -20.03 -6.90 -18.88
CA GLN A 224 -20.23 -5.51 -19.27
C GLN A 224 -20.31 -4.60 -18.04
N GLY A 225 -19.62 -5.00 -16.97
CA GLY A 225 -19.61 -4.20 -15.75
C GLY A 225 -20.49 -4.73 -14.63
N ALA A 226 -21.45 -5.57 -14.96
CA ALA A 226 -22.37 -6.16 -13.98
C ALA A 226 -21.77 -7.39 -13.28
N PHE A 227 -21.71 -7.34 -11.94
CA PHE A 227 -21.19 -8.46 -11.16
C PHE A 227 -22.13 -9.65 -11.20
N ALA A 228 -21.58 -10.86 -11.20
CA ALA A 228 -22.41 -12.05 -11.19
C ALA A 228 -22.99 -12.16 -9.78
N SER A 229 -22.16 -11.85 -8.79
CA SER A 229 -22.57 -11.89 -7.40
C SER A 229 -22.16 -10.58 -6.74
N PRO A 230 -23.07 -9.96 -5.98
CA PRO A 230 -22.74 -8.70 -5.32
C PRO A 230 -21.67 -8.85 -4.23
N ILE A 231 -21.00 -7.74 -3.93
CA ILE A 231 -19.97 -7.71 -2.90
C ILE A 231 -20.46 -6.74 -1.84
N GLN A 232 -20.39 -7.16 -0.58
CA GLN A 232 -20.83 -6.30 0.49
C GLN A 232 -19.68 -5.54 1.13
N LEU A 233 -19.85 -4.22 1.22
CA LEU A 233 -18.85 -3.37 1.83
C LEU A 233 -19.53 -2.73 3.04
N GLN A 234 -18.83 -1.81 3.70
CA GLN A 234 -19.39 -1.13 4.86
C GLN A 234 -19.19 0.36 4.74
N ARG A 235 -20.19 1.12 5.19
CA ARG A 235 -20.07 2.58 5.16
C ARG A 235 -19.36 2.97 6.46
N ARG A 236 -19.02 4.24 6.59
CA ARG A 236 -18.32 4.72 7.78
C ARG A 236 -19.02 4.37 9.09
N ASN A 237 -20.35 4.42 9.09
CA ASN A 237 -21.11 4.11 10.31
C ASN A 237 -21.24 2.61 10.54
N GLY A 238 -20.63 1.82 9.66
CA GLY A 238 -20.69 0.38 9.81
C GLY A 238 -21.85 -0.32 9.12
N SER A 239 -22.75 0.44 8.53
CA SER A 239 -23.90 -0.15 7.83
C SER A 239 -23.44 -0.80 6.54
N LYS A 240 -24.19 -1.81 6.09
CA LYS A 240 -23.84 -2.53 4.87
C LYS A 240 -24.14 -1.74 3.59
N PHE A 241 -23.31 -1.96 2.59
CA PHE A 241 -23.44 -1.30 1.28
C PHE A 241 -23.21 -2.38 0.24
N SER A 242 -24.21 -2.63 -0.60
CA SER A 242 -24.08 -3.64 -1.64
C SER A 242 -23.56 -3.10 -2.96
N VAL A 243 -22.55 -3.76 -3.51
CA VAL A 243 -21.93 -3.37 -4.78
C VAL A 243 -22.35 -4.38 -5.85
N TYR A 244 -23.09 -3.92 -6.85
CA TYR A 244 -23.59 -4.76 -7.93
C TYR A 244 -22.94 -4.48 -9.28
N ASP A 245 -22.25 -3.35 -9.39
CA ASP A 245 -21.69 -2.92 -10.67
C ASP A 245 -20.39 -2.14 -10.47
N VAL A 246 -19.54 -2.15 -11.50
CA VAL A 246 -18.27 -1.42 -11.47
C VAL A 246 -18.51 0.09 -11.43
N SER A 247 -19.64 0.53 -11.96
CA SER A 247 -19.95 1.97 -12.02
C SER A 247 -19.83 2.72 -10.69
N ILE A 248 -20.38 2.14 -9.63
CA ILE A 248 -20.36 2.79 -8.32
C ILE A 248 -18.95 2.83 -7.71
N LEU A 249 -18.03 2.08 -8.29
CA LEU A 249 -16.65 2.03 -7.79
C LEU A 249 -15.67 2.95 -8.52
N ILE A 250 -16.08 3.54 -9.63
CA ILE A 250 -15.18 4.42 -10.38
C ILE A 250 -14.54 5.50 -9.52
N PRO A 251 -15.32 6.20 -8.67
CA PRO A 251 -14.69 7.23 -7.84
C PRO A 251 -14.02 6.67 -6.57
N ILE A 252 -14.12 5.36 -6.38
CA ILE A 252 -13.56 4.70 -5.19
C ILE A 252 -12.25 3.94 -5.36
N ILE A 253 -12.15 3.13 -6.42
CA ILE A 253 -10.95 2.32 -6.67
C ILE A 253 -10.09 2.94 -7.77
N ALA A 254 -8.83 3.23 -7.45
CA ALA A 254 -7.90 3.85 -8.40
C ALA A 254 -7.18 2.86 -9.32
N LEU A 255 -6.89 1.67 -8.81
CA LEU A 255 -6.21 0.65 -9.61
C LEU A 255 -6.52 -0.76 -9.10
N MET A 256 -6.44 -1.75 -9.99
CA MET A 256 -6.74 -3.14 -9.64
C MET A 256 -5.56 -4.06 -9.90
N VAL A 257 -5.56 -5.21 -9.20
CA VAL A 257 -4.53 -6.21 -9.41
C VAL A 257 -5.02 -7.01 -10.62
N TYR A 258 -4.10 -7.42 -11.47
CA TYR A 258 -4.46 -8.19 -12.66
C TYR A 258 -4.96 -9.57 -12.23
N ARG A 259 -6.20 -9.90 -12.62
CA ARG A 259 -6.81 -11.18 -12.26
C ARG A 259 -7.08 -12.09 -13.46
N CYS A 260 -7.49 -11.50 -14.57
CA CYS A 260 -7.78 -12.27 -15.77
C CYS A 260 -7.57 -11.40 -17.00
N ALA A 261 -7.46 -12.02 -18.17
CA ALA A 261 -7.28 -11.26 -19.40
C ALA A 261 -8.61 -10.58 -19.75
N PRO A 262 -8.56 -9.41 -20.38
CA PRO A 262 -9.80 -8.72 -20.74
C PRO A 262 -10.45 -9.36 -21.97
N PRO A 263 -11.75 -9.67 -21.89
CA PRO A 263 -12.43 -10.29 -23.04
C PRO A 263 -12.39 -9.37 -24.25
N PRO A 264 -12.61 -9.93 -25.45
CA PRO A 264 -12.59 -9.14 -26.69
C PRO A 264 -13.46 -7.89 -26.58
#